data_2Q87
#
_entry.id   2Q87
#
_cell.length_a   50.490
_cell.length_b   61.240
_cell.length_c   106.190
_cell.angle_alpha   90.000
_cell.angle_beta   90.000
_cell.angle_gamma   90.000
#
_symmetry.space_group_name_H-M   'P 21 21 21'
#
loop_
_entity.id
_entity.type
_entity.pdbx_description
1 polymer 'CMRF35-H antigen'
2 water water
#
_entity_poly.entity_id   1
_entity_poly.type   'polypeptide(L)'
_entity_poly.pdbx_seq_one_letter_code
;SKARTVAGPVGGSLSVQCPYEKEHRTLNKYWCRPPQIFLCDKIVETKGSAGKRNGRVSIRDSPANLSFTVTLENLTEEDA
GTYWCGVDTPWLQDFHDPVVEVEVSVFPAS
;
_entity_poly.pdbx_strand_id   A,B,C
#
# COMPACT_ATOMS: atom_id res chain seq x y z
N SER A 1 1.77 -6.81 1.42
CA SER A 1 0.66 -7.76 1.16
C SER A 1 0.01 -8.24 2.46
N LYS A 2 -1.12 -8.91 2.35
CA LYS A 2 -1.79 -9.44 3.50
C LYS A 2 -1.49 -10.95 3.61
N ALA A 3 -1.58 -11.52 4.81
CA ALA A 3 -1.30 -12.94 4.96
C ALA A 3 -2.60 -13.71 5.22
N ARG A 4 -2.86 -14.76 4.45
CA ARG A 4 -4.01 -15.67 4.69
C ARG A 4 -3.55 -17.13 4.74
N THR A 5 -4.06 -17.91 5.70
CA THR A 5 -3.90 -19.39 5.67
C THR A 5 -5.23 -19.93 5.20
N VAL A 6 -5.21 -20.89 4.30
CA VAL A 6 -6.44 -21.45 3.76
C VAL A 6 -6.21 -22.93 3.95
N ALA A 7 -7.08 -23.55 4.77
CA ALA A 7 -7.00 -24.97 5.10
C ALA A 7 -8.21 -25.76 4.61
N GLY A 8 -7.96 -26.96 4.09
CA GLY A 8 -9.04 -27.87 3.67
C GLY A 8 -8.58 -29.32 3.60
N PRO A 9 -9.52 -30.28 3.54
CA PRO A 9 -9.13 -31.69 3.55
C PRO A 9 -8.53 -32.18 2.25
N VAL A 10 -7.62 -33.16 2.35
CA VAL A 10 -7.07 -33.81 1.17
C VAL A 10 -8.23 -34.27 0.30
N GLY A 11 -8.08 -34.08 -1.01
CA GLY A 11 -9.06 -34.56 -1.97
C GLY A 11 -10.22 -33.62 -2.08
N GLY A 12 -10.26 -32.61 -1.22
CA GLY A 12 -11.27 -31.57 -1.35
C GLY A 12 -10.96 -30.60 -2.49
N SER A 13 -11.96 -29.77 -2.80
CA SER A 13 -11.90 -28.66 -3.72
C SER A 13 -11.78 -27.35 -2.90
N LEU A 14 -10.56 -26.85 -2.81
CA LEU A 14 -10.23 -25.85 -1.81
C LEU A 14 -10.51 -24.51 -2.46
N SER A 15 -11.22 -23.63 -1.76
CA SER A 15 -11.56 -22.33 -2.33
C SER A 15 -10.77 -21.23 -1.58
N VAL A 16 -9.76 -20.71 -2.27
CA VAL A 16 -8.90 -19.64 -1.78
C VAL A 16 -9.46 -18.27 -2.21
N GLN A 17 -9.79 -17.41 -1.22
CA GLN A 17 -10.29 -16.08 -1.53
C GLN A 17 -9.22 -15.05 -1.28
N CYS A 18 -9.02 -14.21 -2.29
CA CYS A 18 -7.96 -13.21 -2.23
C CYS A 18 -8.49 -11.83 -2.42
N PRO A 19 -8.78 -11.17 -1.30
CA PRO A 19 -9.27 -9.81 -1.37
C PRO A 19 -8.22 -8.81 -1.83
N TYR A 20 -8.68 -7.70 -2.37
CA TYR A 20 -7.79 -6.64 -2.77
C TYR A 20 -8.46 -5.31 -2.60
N GLU A 21 -7.81 -4.27 -3.09
CA GLU A 21 -8.33 -2.91 -2.95
C GLU A 21 -8.73 -2.33 -4.33
N LYS A 22 -9.39 -1.17 -4.34
CA LYS A 22 -9.84 -0.58 -5.60
C LYS A 22 -8.74 -0.36 -6.66
N GLU A 23 -7.53 -0.01 -6.22
CA GLU A 23 -6.43 0.24 -7.15
C GLU A 23 -6.04 -1.01 -7.95
N HIS A 24 -6.37 -2.19 -7.40
CA HIS A 24 -6.08 -3.47 -8.04
C HIS A 24 -7.21 -3.93 -8.95
N ARG A 25 -8.32 -3.22 -8.96
CA ARG A 25 -9.52 -3.73 -9.64
C ARG A 25 -9.26 -4.26 -11.08
N THR A 26 -8.55 -3.49 -11.89
CA THR A 26 -8.48 -3.80 -13.29
C THR A 26 -7.31 -4.67 -13.63
N LEU A 27 -6.43 -4.86 -12.65
CA LEU A 27 -5.25 -5.69 -12.84
C LEU A 27 -5.52 -7.18 -13.22
N ASN A 28 -4.59 -7.77 -13.94
CA ASN A 28 -4.52 -9.20 -14.03
C ASN A 28 -4.41 -9.79 -12.61
N LYS A 29 -5.19 -10.82 -12.33
CA LYS A 29 -5.08 -11.54 -11.06
C LYS A 29 -4.45 -12.90 -11.36
N TYR A 30 -3.48 -13.31 -10.53
CA TYR A 30 -2.82 -14.58 -10.73
C TYR A 30 -2.56 -15.47 -9.47
N TRP A 31 -2.24 -16.75 -9.71
CA TRP A 31 -1.87 -17.72 -8.68
C TRP A 31 -0.50 -18.28 -9.03
N CYS A 32 0.39 -18.36 -8.06
CA CYS A 32 1.70 -18.91 -8.33
C CYS A 32 2.45 -19.15 -7.02
N ARG A 33 3.46 -20.02 -7.07
CA ARG A 33 4.43 -20.16 -6.01
C ARG A 33 5.30 -18.94 -6.10
N PRO A 34 5.81 -18.41 -4.95
CA PRO A 34 6.50 -17.11 -5.06
C PRO A 34 7.72 -17.17 -6.00
N PRO A 35 8.10 -16.02 -6.58
CA PRO A 35 9.14 -15.99 -7.64
C PRO A 35 10.46 -16.61 -7.16
N GLN A 36 11.09 -17.41 -8.02
CA GLN A 36 12.43 -17.92 -7.78
C GLN A 36 13.44 -16.71 -7.72
N ILE A 37 13.34 -15.84 -8.72
CA ILE A 37 14.20 -14.68 -8.81
C ILE A 37 13.32 -13.45 -8.91
N PHE A 38 12.91 -13.06 -10.13
CA PHE A 38 12.20 -11.79 -10.31
C PHE A 38 10.72 -12.02 -10.42
N LEU A 39 10.33 -12.87 -11.36
CA LEU A 39 8.90 -13.13 -11.60
C LEU A 39 8.50 -14.59 -11.31
N CYS A 40 7.24 -14.81 -10.96
CA CYS A 40 6.84 -16.16 -10.64
C CYS A 40 6.26 -16.82 -11.86
N ASP A 41 6.16 -18.14 -11.80
CA ASP A 41 5.57 -18.90 -12.89
C ASP A 41 4.04 -18.99 -12.69
N LYS A 42 3.31 -18.15 -13.41
CA LYS A 42 1.89 -17.99 -13.18
C LYS A 42 1.16 -19.30 -13.52
N ILE A 43 0.62 -19.96 -12.49
CA ILE A 43 -0.14 -21.19 -12.65
C ILE A 43 -1.42 -20.93 -13.43
N VAL A 44 -2.17 -19.91 -13.00
CA VAL A 44 -3.38 -19.45 -13.68
C VAL A 44 -3.40 -17.94 -13.50
N GLU A 45 -4.12 -17.27 -14.40
CA GLU A 45 -4.30 -15.83 -14.37
C GLU A 45 -5.53 -15.43 -15.12
N THR A 46 -6.06 -14.26 -14.80
CA THR A 46 -7.32 -13.82 -15.38
C THR A 46 -7.16 -13.04 -16.68
N LYS A 47 -5.96 -12.52 -16.91
CA LYS A 47 -5.63 -11.67 -18.09
C LYS A 47 -4.15 -11.85 -18.39
N GLY A 48 -3.85 -12.98 -19.00
CA GLY A 48 -2.50 -13.31 -19.36
C GLY A 48 -2.52 -14.57 -20.20
N SER A 49 -1.35 -14.84 -20.77
CA SER A 49 -1.15 -16.00 -21.63
C SER A 49 -1.21 -17.34 -20.86
N ALA A 50 -1.30 -17.29 -19.53
CA ALA A 50 -1.34 -18.53 -18.76
C ALA A 50 -2.66 -19.27 -18.79
N GLY A 51 -3.78 -18.58 -19.01
CA GLY A 51 -5.10 -19.20 -18.94
C GLY A 51 -5.72 -19.20 -17.54
N LYS A 52 -7.06 -19.07 -17.47
CA LYS A 52 -7.76 -19.10 -16.18
C LYS A 52 -7.94 -20.47 -15.56
N ARG A 53 -7.65 -21.53 -16.32
CA ARG A 53 -7.85 -22.90 -15.87
C ARG A 53 -6.66 -23.71 -16.36
N ASN A 54 -6.03 -24.44 -15.45
CA ASN A 54 -5.01 -25.39 -15.82
C ASN A 54 -4.84 -26.52 -14.78
N GLY A 55 -5.29 -27.72 -15.18
CA GLY A 55 -5.24 -28.90 -14.35
C GLY A 55 -6.26 -28.67 -13.27
N ARG A 56 -5.84 -28.92 -12.03
CA ARG A 56 -6.71 -28.81 -10.86
C ARG A 56 -6.86 -27.39 -10.35
N VAL A 57 -6.22 -26.44 -11.02
CA VAL A 57 -6.26 -25.01 -10.60
C VAL A 57 -7.10 -24.18 -11.56
N SER A 58 -7.96 -23.33 -11.01
CA SER A 58 -8.74 -22.37 -11.79
C SER A 58 -8.92 -21.06 -10.98
N ILE A 59 -9.13 -19.96 -11.71
CA ILE A 59 -9.20 -18.65 -11.06
C ILE A 59 -10.36 -17.87 -11.68
N ARG A 60 -11.06 -17.11 -10.82
CA ARG A 60 -12.14 -16.22 -11.20
C ARG A 60 -12.06 -14.91 -10.40
N ASP A 61 -12.07 -13.78 -11.14
CA ASP A 61 -12.06 -12.46 -10.54
C ASP A 61 -13.48 -11.95 -10.27
N SER A 62 -13.67 -11.32 -9.11
CA SER A 62 -14.94 -10.70 -8.76
C SER A 62 -14.71 -9.26 -8.35
N PRO A 63 -14.47 -8.37 -9.36
CA PRO A 63 -14.04 -6.98 -9.13
C PRO A 63 -15.09 -6.11 -8.43
N ALA A 64 -16.36 -6.44 -8.66
CA ALA A 64 -17.43 -5.80 -7.91
C ALA A 64 -17.25 -6.06 -6.44
N ASN A 65 -16.71 -7.22 -6.09
CA ASN A 65 -16.56 -7.54 -4.67
C ASN A 65 -15.12 -7.42 -4.15
N LEU A 66 -14.25 -6.87 -4.99
CA LEU A 66 -12.83 -6.60 -4.63
C LEU A 66 -12.20 -7.84 -4.05
N SER A 67 -12.32 -8.93 -4.79
CA SER A 67 -11.79 -10.21 -4.38
C SER A 67 -11.65 -11.07 -5.63
N PHE A 68 -10.68 -11.97 -5.61
CA PHE A 68 -10.70 -13.06 -6.55
C PHE A 68 -10.59 -14.41 -5.88
N THR A 69 -10.97 -15.48 -6.58
CA THR A 69 -11.01 -16.82 -6.03
C THR A 69 -10.14 -17.79 -6.86
N VAL A 70 -9.29 -18.55 -6.19
CA VAL A 70 -8.55 -19.62 -6.83
C VAL A 70 -9.11 -20.90 -6.26
N THR A 71 -9.45 -21.85 -7.12
CA THR A 71 -9.98 -23.12 -6.67
C THR A 71 -8.98 -24.23 -6.95
N LEU A 72 -8.64 -25.00 -5.94
CA LEU A 72 -7.73 -26.15 -6.04
C LEU A 72 -8.50 -27.46 -5.95
N GLU A 73 -8.62 -28.17 -7.07
CA GLU A 73 -9.37 -29.43 -7.06
C GLU A 73 -8.47 -30.58 -6.63
N ASN A 74 -9.07 -31.60 -6.00
CA ASN A 74 -8.34 -32.80 -5.67
C ASN A 74 -7.05 -32.41 -4.97
N LEU A 75 -7.24 -31.69 -3.86
CA LEU A 75 -6.15 -31.19 -3.03
C LEU A 75 -5.28 -32.33 -2.53
N THR A 76 -3.97 -32.22 -2.69
CA THR A 76 -3.01 -33.23 -2.20
C THR A 76 -2.05 -32.57 -1.23
N GLU A 77 -1.27 -33.37 -0.50
CA GLU A 77 -0.20 -32.87 0.39
C GLU A 77 0.83 -31.98 -0.32
N GLU A 78 1.08 -32.26 -1.59
CA GLU A 78 2.08 -31.53 -2.38
C GLU A 78 1.62 -30.10 -2.73
N ASP A 79 0.29 -29.87 -2.66
CA ASP A 79 -0.31 -28.55 -2.78
C ASP A 79 0.00 -27.60 -1.62
N ALA A 80 0.26 -28.13 -0.42
CA ALA A 80 0.55 -27.27 0.74
C ALA A 80 1.70 -26.35 0.42
N GLY A 81 1.74 -25.25 1.14
CA GLY A 81 2.86 -24.35 1.04
C GLY A 81 2.44 -22.94 0.70
N THR A 82 3.46 -22.14 0.41
CA THR A 82 3.27 -20.72 0.18
C THR A 82 2.97 -20.40 -1.27
N TYR A 83 2.01 -19.49 -1.44
CA TYR A 83 1.61 -19.01 -2.77
C TYR A 83 1.34 -17.51 -2.73
N TRP A 84 1.33 -16.91 -3.92
CA TRP A 84 0.95 -15.52 -4.03
C TRP A 84 -0.41 -15.46 -4.71
N CYS A 85 -1.33 -14.71 -4.09
CA CYS A 85 -2.43 -14.12 -4.79
C CYS A 85 -1.85 -12.84 -5.44
N GLY A 86 -1.39 -12.97 -6.68
CA GLY A 86 -0.60 -11.94 -7.33
C GLY A 86 -1.41 -11.02 -8.20
N VAL A 87 -0.85 -9.86 -8.52
CA VAL A 87 -1.48 -8.95 -9.45
C VAL A 87 -0.38 -8.44 -10.40
N ASP A 88 -0.72 -8.25 -11.67
CA ASP A 88 0.13 -7.51 -12.57
C ASP A 88 -0.71 -6.84 -13.67
N THR A 89 -0.07 -6.12 -14.57
CA THR A 89 -0.80 -5.37 -15.60
C THR A 89 -1.26 -6.38 -16.65
N PRO A 90 -2.50 -6.22 -17.11
CA PRO A 90 -3.00 -7.19 -18.10
C PRO A 90 -2.04 -7.36 -19.29
N TRP A 91 -1.83 -8.61 -19.68
CA TRP A 91 -1.08 -9.01 -20.90
C TRP A 91 0.40 -8.65 -20.82
N LEU A 92 0.84 -8.28 -19.64
CA LEU A 92 2.26 -8.21 -19.53
C LEU A 92 2.75 -8.72 -18.19
N GLN A 93 4.05 -8.98 -18.19
CA GLN A 93 4.77 -9.56 -17.10
C GLN A 93 5.58 -8.48 -16.36
N ASP A 94 4.92 -7.75 -15.48
CA ASP A 94 5.62 -6.85 -14.61
C ASP A 94 5.43 -7.33 -13.16
N PHE A 95 6.31 -6.83 -12.31
CA PHE A 95 6.32 -7.17 -10.92
C PHE A 95 5.54 -6.15 -10.09
N HIS A 96 4.53 -6.63 -9.34
CA HIS A 96 3.79 -5.90 -8.32
C HIS A 96 3.82 -6.74 -7.04
N ASP A 97 3.86 -6.10 -5.87
CA ASP A 97 3.66 -6.81 -4.61
C ASP A 97 2.36 -7.63 -4.70
N PRO A 98 2.36 -8.89 -4.18
CA PRO A 98 1.10 -9.66 -4.31
C PRO A 98 0.10 -9.01 -3.38
N VAL A 99 -1.17 -9.27 -3.62
CA VAL A 99 -2.17 -8.71 -2.72
C VAL A 99 -2.31 -9.57 -1.48
N VAL A 100 -2.17 -10.88 -1.63
CA VAL A 100 -2.21 -11.79 -0.48
C VAL A 100 -1.12 -12.84 -0.62
N GLU A 101 -0.41 -13.10 0.49
CA GLU A 101 0.53 -14.26 0.55
C GLU A 101 -0.23 -15.34 1.25
N VAL A 102 -0.50 -16.40 0.53
CA VAL A 102 -1.35 -17.48 1.00
C VAL A 102 -0.55 -18.69 1.44
N GLU A 103 -0.87 -19.18 2.63
CA GLU A 103 -0.34 -20.45 3.05
C GLU A 103 -1.46 -21.49 2.95
N VAL A 104 -1.24 -22.48 2.08
CA VAL A 104 -2.20 -23.55 1.92
C VAL A 104 -1.77 -24.68 2.89
N SER A 105 -2.72 -25.12 3.71
CA SER A 105 -2.46 -26.28 4.54
C SER A 105 -3.47 -27.32 4.20
N VAL A 106 -3.00 -28.54 4.14
CA VAL A 106 -3.81 -29.69 3.74
C VAL A 106 -3.98 -30.63 4.93
N PHE A 107 -5.21 -31.01 5.26
CA PHE A 107 -5.44 -32.02 6.30
C PHE A 107 -6.38 -33.12 5.82
N ARG B 4 6.31 1.57 -2.48
CA ARG B 4 5.90 0.55 -3.50
C ARG B 4 6.95 0.41 -4.58
N THR B 5 7.19 -0.82 -5.02
CA THR B 5 8.17 -1.10 -6.08
C THR B 5 7.41 -1.80 -7.21
N VAL B 6 7.65 -1.37 -8.43
CA VAL B 6 7.11 -2.06 -9.58
C VAL B 6 8.35 -2.30 -10.46
N ALA B 7 8.38 -3.42 -11.16
CA ALA B 7 9.55 -3.78 -11.94
C ALA B 7 9.18 -4.48 -13.24
N GLY B 8 10.09 -4.42 -14.23
CA GLY B 8 9.82 -5.08 -15.49
C GLY B 8 11.09 -5.39 -16.21
N PRO B 9 11.04 -6.31 -17.20
CA PRO B 9 12.33 -6.58 -17.81
C PRO B 9 12.82 -5.50 -18.82
N VAL B 10 14.12 -5.41 -19.07
CA VAL B 10 14.59 -4.52 -20.16
C VAL B 10 13.79 -4.89 -21.42
N GLY B 11 13.19 -3.89 -22.08
CA GLY B 11 12.44 -4.10 -23.32
C GLY B 11 10.98 -4.42 -23.09
N GLY B 12 10.63 -4.73 -21.85
CA GLY B 12 9.24 -5.09 -21.51
C GLY B 12 8.49 -3.83 -21.12
N SER B 13 7.34 -4.00 -20.47
CA SER B 13 6.50 -2.87 -20.05
C SER B 13 6.04 -3.05 -18.59
N LEU B 14 5.63 -1.98 -17.94
CA LEU B 14 5.07 -2.14 -16.60
C LEU B 14 4.03 -1.05 -16.45
N SER B 15 3.18 -1.18 -15.45
CA SER B 15 2.33 -0.07 -15.12
C SER B 15 2.25 0.00 -13.61
N VAL B 16 2.02 1.21 -13.13
CA VAL B 16 2.00 1.45 -11.71
C VAL B 16 0.71 2.18 -11.35
N GLN B 17 0.11 1.76 -10.24
CA GLN B 17 -1.11 2.36 -9.75
C GLN B 17 -0.81 3.29 -8.62
N CYS B 18 -1.43 4.45 -8.67
CA CYS B 18 -1.24 5.46 -7.64
C CYS B 18 -2.56 5.90 -7.05
N PRO B 19 -2.82 5.47 -5.80
CA PRO B 19 -4.08 5.77 -5.16
C PRO B 19 -4.21 7.20 -4.61
N TYR B 20 -5.44 7.65 -4.46
CA TYR B 20 -5.62 8.96 -3.93
C TYR B 20 -6.94 9.06 -3.18
N GLU B 21 -7.25 10.25 -2.69
CA GLU B 21 -8.49 10.48 -1.93
C GLU B 21 -9.65 11.03 -2.78
N LYS B 22 -10.89 10.82 -2.33
CA LYS B 22 -12.03 11.32 -3.10
C LYS B 22 -11.93 12.81 -3.48
N GLU B 23 -11.45 13.66 -2.57
CA GLU B 23 -11.20 15.10 -2.87
C GLU B 23 -10.31 15.35 -4.09
N HIS B 24 -9.53 14.34 -4.49
CA HIS B 24 -8.53 14.55 -5.54
C HIS B 24 -9.06 14.13 -6.88
N ARG B 25 -10.27 13.54 -6.93
CA ARG B 25 -10.80 13.04 -8.21
C ARG B 25 -10.64 13.99 -9.41
N THR B 26 -10.92 15.27 -9.22
CA THR B 26 -10.92 16.18 -10.36
C THR B 26 -9.58 16.90 -10.56
N LEU B 27 -8.58 16.53 -9.78
CA LEU B 27 -7.34 17.31 -9.82
C LEU B 27 -6.38 16.71 -10.84
N ASN B 28 -5.49 17.54 -11.37
CA ASN B 28 -4.37 17.09 -12.20
C ASN B 28 -3.56 16.07 -11.41
N LYS B 29 -3.25 14.95 -12.07
CA LYS B 29 -2.39 13.89 -11.56
C LYS B 29 -1.12 13.90 -12.35
N TYR B 30 0.02 13.60 -11.70
CA TYR B 30 1.23 13.54 -12.47
C TYR B 30 2.23 12.46 -12.03
N TRP B 31 3.22 12.28 -12.89
CA TRP B 31 4.30 11.33 -12.68
C TRP B 31 5.63 12.11 -12.84
N CYS B 32 6.51 12.07 -11.86
CA CYS B 32 7.69 12.94 -11.94
C CYS B 32 8.92 12.36 -11.27
N ARG B 33 10.12 12.78 -11.69
CA ARG B 33 11.41 12.30 -11.19
C ARG B 33 12.17 13.60 -11.05
N PRO B 34 13.24 13.63 -10.25
CA PRO B 34 13.57 13.30 -8.87
C PRO B 34 12.52 13.61 -7.87
N PRO B 35 12.42 12.74 -6.85
CA PRO B 35 11.59 12.97 -5.71
C PRO B 35 12.16 14.14 -4.86
N GLN B 36 11.98 15.34 -5.37
CA GLN B 36 12.35 16.54 -4.69
C GLN B 36 11.35 17.62 -5.04
N ILE B 37 10.81 18.28 -4.03
CA ILE B 37 9.85 19.36 -4.24
C ILE B 37 10.45 20.40 -5.15
N PHE B 38 9.68 20.81 -6.15
CA PHE B 38 10.11 21.81 -7.18
C PHE B 38 11.07 21.23 -8.27
N LEU B 39 11.87 20.25 -7.93
CA LEU B 39 12.81 19.75 -8.89
C LEU B 39 12.25 18.53 -9.56
N CYS B 40 11.13 18.04 -9.05
CA CYS B 40 10.52 16.85 -9.66
C CYS B 40 9.97 17.24 -11.01
N ASP B 41 10.49 16.76 -12.15
CA ASP B 41 9.86 17.25 -13.40
C ASP B 41 8.80 16.33 -13.93
N LYS B 42 7.66 16.92 -14.23
CA LYS B 42 6.49 16.11 -14.60
C LYS B 42 6.71 15.59 -15.98
N ILE B 43 6.70 14.27 -16.08
CA ILE B 43 6.97 13.59 -17.32
C ILE B 43 5.64 13.51 -18.07
N VAL B 44 4.58 13.23 -17.32
CA VAL B 44 3.23 13.16 -17.90
C VAL B 44 2.27 13.68 -16.87
N GLU B 45 1.18 14.30 -17.33
CA GLU B 45 0.10 14.73 -16.43
C GLU B 45 -1.25 14.51 -17.08
N THR B 46 -2.28 14.39 -16.28
CA THR B 46 -3.61 14.06 -16.81
C THR B 46 -4.32 15.29 -17.34
N LYS B 47 -4.06 16.46 -16.74
CA LYS B 47 -4.58 17.75 -17.22
C LYS B 47 -3.51 18.78 -17.65
N GLY B 48 -2.30 18.68 -17.08
CA GLY B 48 -1.30 19.73 -17.21
C GLY B 48 -0.68 19.73 -18.57
N SER B 49 0.17 20.72 -18.85
CA SER B 49 0.66 20.91 -20.21
C SER B 49 1.75 19.92 -20.59
N ALA B 50 2.15 19.03 -19.67
CA ALA B 50 3.10 18.00 -20.07
C ALA B 50 2.45 17.06 -21.09
N GLY B 51 1.12 16.95 -21.04
CA GLY B 51 0.37 15.98 -21.88
C GLY B 51 0.27 14.58 -21.24
N LYS B 52 -0.71 13.81 -21.68
CA LYS B 52 -0.96 12.43 -21.19
C LYS B 52 0.03 11.37 -21.63
N ARG B 53 0.80 11.68 -22.67
CA ARG B 53 1.71 10.73 -23.24
C ARG B 53 2.94 11.47 -23.69
N ASN B 54 4.10 10.98 -23.31
CA ASN B 54 5.38 11.62 -23.61
C ASN B 54 6.35 10.49 -23.93
N GLY B 55 6.50 10.18 -25.23
CA GLY B 55 7.31 9.02 -25.62
C GLY B 55 6.82 7.67 -25.13
N ARG B 56 7.68 6.98 -24.35
CA ARG B 56 7.30 5.65 -23.82
C ARG B 56 6.46 5.69 -22.54
N VAL B 57 6.10 6.89 -22.05
CA VAL B 57 5.30 7.02 -20.84
C VAL B 57 3.90 7.57 -21.13
N SER B 58 2.88 7.03 -20.46
CA SER B 58 1.56 7.61 -20.44
C SER B 58 0.92 7.46 -19.05
N ILE B 59 -0.14 8.26 -18.86
CA ILE B 59 -0.92 8.39 -17.62
C ILE B 59 -2.41 8.32 -17.99
N ARG B 60 -3.19 7.58 -17.21
CA ARG B 60 -4.65 7.50 -17.33
C ARG B 60 -5.29 7.49 -15.96
N ASP B 61 -6.27 8.37 -15.74
CA ASP B 61 -6.89 8.53 -14.41
C ASP B 61 -8.16 7.70 -14.34
N SER B 62 -8.40 7.04 -13.19
CA SER B 62 -9.71 6.41 -12.98
C SER B 62 -10.33 6.76 -11.66
N PRO B 63 -10.99 7.94 -11.61
CA PRO B 63 -11.60 8.49 -10.41
C PRO B 63 -12.58 7.52 -9.78
N ALA B 64 -13.18 6.61 -10.55
CA ALA B 64 -14.06 5.57 -9.93
C ALA B 64 -13.31 4.60 -9.01
N ASN B 65 -12.03 4.33 -9.31
CA ASN B 65 -11.20 3.48 -8.44
C ASN B 65 -10.23 4.29 -7.59
N LEU B 66 -10.45 5.60 -7.55
CA LEU B 66 -9.63 6.54 -6.80
C LEU B 66 -8.13 6.27 -7.01
N SER B 67 -7.75 6.05 -8.25
CA SER B 67 -6.35 5.88 -8.59
C SER B 67 -6.09 6.24 -10.03
N PHE B 68 -4.83 6.43 -10.38
CA PHE B 68 -4.46 6.62 -11.75
C PHE B 68 -3.27 5.72 -11.99
N THR B 69 -2.97 5.48 -13.26
CA THR B 69 -2.01 4.48 -13.67
C THR B 69 -1.01 5.08 -14.61
N VAL B 70 0.25 4.93 -14.30
CA VAL B 70 1.31 5.30 -15.21
C VAL B 70 1.86 4.04 -15.90
N THR B 71 1.93 4.07 -17.23
CA THR B 71 2.50 2.96 -18.02
C THR B 71 3.84 3.32 -18.64
N LEU B 72 4.82 2.47 -18.47
CA LEU B 72 6.11 2.58 -19.14
C LEU B 72 6.24 1.49 -20.16
N GLU B 73 6.60 1.84 -21.40
CA GLU B 73 6.82 0.83 -22.47
C GLU B 73 8.24 0.74 -22.85
N ASN B 74 8.67 -0.41 -23.39
N ASN B 74 8.65 -0.42 -23.38
CA ASN B 74 10.04 -0.56 -23.87
CA ASN B 74 10.02 -0.64 -23.85
C ASN B 74 11.07 -0.13 -22.82
C ASN B 74 11.05 -0.14 -22.83
N LEU B 75 10.97 -0.72 -21.63
CA LEU B 75 11.82 -0.32 -20.52
C LEU B 75 13.28 -0.32 -20.85
N THR B 76 13.98 0.66 -20.31
CA THR B 76 15.43 0.70 -20.43
C THR B 76 16.03 0.74 -19.05
N GLU B 77 17.30 0.42 -18.91
CA GLU B 77 17.93 0.60 -17.58
C GLU B 77 17.72 1.97 -16.91
N GLU B 78 17.79 3.02 -17.71
CA GLU B 78 17.69 4.39 -17.25
C GLU B 78 16.29 4.70 -16.72
N ASP B 79 15.29 3.87 -17.04
CA ASP B 79 13.94 4.06 -16.54
C ASP B 79 13.82 3.82 -15.04
N ALA B 80 14.81 3.15 -14.45
CA ALA B 80 14.71 2.75 -13.05
C ALA B 80 15.08 3.92 -12.16
N GLY B 81 14.43 4.00 -11.00
CA GLY B 81 14.72 5.03 -10.04
C GLY B 81 13.47 5.27 -9.22
N THR B 82 13.53 6.30 -8.38
CA THR B 82 12.43 6.68 -7.54
C THR B 82 11.64 7.80 -8.22
N TYR B 83 10.32 7.64 -8.27
CA TYR B 83 9.46 8.64 -8.86
C TYR B 83 8.37 9.04 -7.86
N TRP B 84 7.73 10.17 -8.11
CA TRP B 84 6.50 10.52 -7.38
C TRP B 84 5.30 10.44 -8.26
N CYS B 85 4.28 9.79 -7.76
CA CYS B 85 2.95 9.97 -8.30
C CYS B 85 2.38 11.12 -7.51
N GLY B 86 1.98 12.18 -8.17
CA GLY B 86 1.53 13.39 -7.46
C GLY B 86 0.12 13.82 -7.77
N VAL B 87 -0.49 14.44 -6.78
CA VAL B 87 -1.79 15.10 -7.00
C VAL B 87 -1.55 16.58 -6.88
N ASP B 88 -1.91 17.31 -7.92
CA ASP B 88 -1.61 18.74 -7.99
C ASP B 88 -2.73 19.47 -7.26
N THR B 89 -2.54 19.72 -5.97
CA THR B 89 -3.58 20.36 -5.15
C THR B 89 -3.38 21.87 -5.19
N PRO B 90 -4.42 22.61 -5.63
CA PRO B 90 -4.42 24.08 -5.74
C PRO B 90 -4.81 24.72 -4.42
N TRP B 91 -4.04 24.40 -3.38
CA TRP B 91 -4.06 25.12 -2.11
C TRP B 91 -2.74 24.94 -1.38
N LEU B 92 -2.52 25.77 -0.36
CA LEU B 92 -1.30 25.76 0.42
C LEU B 92 -1.12 24.46 1.20
N GLN B 93 0.07 23.88 1.20
CA GLN B 93 0.29 22.67 2.00
C GLN B 93 1.64 22.68 2.61
N ASP B 94 1.70 22.48 3.90
CA ASP B 94 2.95 22.63 4.62
C ASP B 94 3.98 21.59 4.19
N PHE B 95 3.52 20.48 3.61
CA PHE B 95 4.42 19.41 3.18
C PHE B 95 4.32 19.14 1.66
N HIS B 96 3.70 20.12 0.98
CA HIS B 96 3.58 20.12 -0.47
C HIS B 96 2.49 19.16 -0.93
N ASP B 97 2.40 19.04 -2.25
CA ASP B 97 1.41 18.16 -2.90
C ASP B 97 1.49 16.77 -2.31
N PRO B 98 0.32 16.12 -2.10
CA PRO B 98 0.32 14.72 -1.69
C PRO B 98 0.98 13.88 -2.77
N VAL B 99 1.93 13.03 -2.37
CA VAL B 99 2.58 12.18 -3.40
C VAL B 99 2.69 10.78 -2.86
N VAL B 100 2.64 9.82 -3.75
CA VAL B 100 2.92 8.42 -3.44
C VAL B 100 4.24 8.09 -4.14
N GLU B 101 5.18 7.59 -3.34
CA GLU B 101 6.56 7.36 -3.85
C GLU B 101 6.68 5.94 -4.43
N VAL B 102 7.24 5.82 -5.62
CA VAL B 102 7.30 4.54 -6.36
C VAL B 102 8.76 4.31 -6.73
N GLU B 103 9.27 3.17 -6.32
CA GLU B 103 10.53 2.66 -6.84
C GLU B 103 10.30 1.83 -8.07
N VAL B 104 10.89 2.25 -9.19
CA VAL B 104 10.84 1.52 -10.46
C VAL B 104 12.16 0.78 -10.65
N SER B 105 12.07 -0.52 -10.90
CA SER B 105 13.29 -1.31 -11.10
C SER B 105 13.22 -1.99 -12.47
N VAL B 106 14.40 -2.24 -13.04
CA VAL B 106 14.43 -2.89 -14.36
C VAL B 106 15.37 -4.04 -14.20
N PHE B 107 14.95 -5.22 -14.63
CA PHE B 107 15.79 -6.42 -14.50
C PHE B 107 16.13 -6.98 -15.88
N PRO B 108 17.12 -7.90 -15.98
CA PRO B 108 17.49 -8.36 -17.34
C PRO B 108 16.38 -9.05 -18.08
N ALA B 109 16.42 -8.85 -19.40
CA ALA B 109 15.39 -9.20 -20.40
C ALA B 109 15.03 -10.65 -20.74
N SER B 110 15.45 -11.64 -19.95
CA SER B 110 14.94 -13.04 -20.12
C SER B 110 15.35 -13.70 -21.43
N ARG C 4 -6.55 18.30 19.88
CA ARG C 4 -7.10 17.88 21.23
C ARG C 4 -6.11 18.15 22.31
N THR C 5 -6.58 18.37 23.51
CA THR C 5 -5.64 18.63 24.58
C THR C 5 -5.83 17.61 25.72
N VAL C 6 -4.74 17.07 26.27
CA VAL C 6 -4.82 16.07 27.33
C VAL C 6 -3.75 16.41 28.36
N ALA C 7 -4.03 16.13 29.63
CA ALA C 7 -3.10 16.47 30.72
C ALA C 7 -3.01 15.36 31.75
N GLY C 8 -1.83 15.11 32.28
CA GLY C 8 -1.69 14.22 33.45
C GLY C 8 -0.57 14.67 34.36
N PRO C 9 -0.51 14.14 35.60
CA PRO C 9 0.55 14.54 36.50
C PRO C 9 1.84 13.76 36.28
N VAL C 10 2.97 14.41 36.58
CA VAL C 10 4.27 13.73 36.72
C VAL C 10 4.09 12.48 37.56
N GLY C 11 4.56 11.35 37.04
CA GLY C 11 4.58 10.13 37.77
C GLY C 11 3.30 9.37 37.53
N GLY C 12 2.33 10.05 36.92
CA GLY C 12 1.05 9.48 36.62
C GLY C 12 1.08 8.90 35.22
N SER C 13 -0.07 8.54 34.73
CA SER C 13 -0.17 8.01 33.40
C SER C 13 -1.27 8.74 32.63
N LEU C 14 -1.21 8.64 31.31
CA LEU C 14 -2.26 9.23 30.49
C LEU C 14 -2.50 8.31 29.31
N SER C 15 -3.76 8.24 28.87
CA SER C 15 -4.05 7.57 27.63
C SER C 15 -4.91 8.48 26.77
N VAL C 16 -4.68 8.38 25.45
CA VAL C 16 -5.43 9.11 24.43
C VAL C 16 -6.07 8.12 23.46
N GLN C 17 -7.37 8.22 23.26
CA GLN C 17 -8.02 7.37 22.29
C GLN C 17 -8.22 8.15 20.97
N CYS C 18 -7.76 7.58 19.87
CA CYS C 18 -7.85 8.22 18.58
C CYS C 18 -8.79 7.41 17.67
N PRO C 19 -9.93 8.01 17.22
CA PRO C 19 -10.87 7.27 16.34
C PRO C 19 -10.49 7.31 14.89
N TYR C 20 -10.98 6.36 14.11
CA TYR C 20 -10.73 6.34 12.66
C TYR C 20 -11.90 5.70 11.93
N GLU C 21 -11.86 5.75 10.61
CA GLU C 21 -12.99 5.28 9.79
C GLU C 21 -12.84 3.81 9.41
N LYS C 22 -13.94 3.11 9.11
CA LYS C 22 -13.89 1.65 8.83
C LYS C 22 -12.81 1.11 7.87
N GLU C 23 -12.57 1.82 6.78
CA GLU C 23 -11.54 1.38 5.80
C GLU C 23 -10.14 1.40 6.37
N HIS C 24 -9.96 2.08 7.50
CA HIS C 24 -8.65 2.21 8.16
C HIS C 24 -8.36 1.10 9.16
N ARG C 25 -9.34 0.23 9.43
CA ARG C 25 -9.20 -0.85 10.41
C ARG C 25 -7.86 -1.59 10.41
N THR C 26 -7.32 -1.90 9.23
CA THR C 26 -6.13 -2.76 9.15
C THR C 26 -4.85 -2.01 8.91
N LEU C 27 -4.94 -0.69 8.80
CA LEU C 27 -3.76 0.10 8.53
C LEU C 27 -2.89 0.25 9.77
N ASN C 28 -1.62 0.56 9.54
CA ASN C 28 -0.68 0.90 10.59
C ASN C 28 -1.18 2.15 11.34
N LYS C 29 -1.17 2.09 12.68
CA LYS C 29 -1.59 3.22 13.52
C LYS C 29 -0.34 3.68 14.26
N TYR C 30 -0.11 4.99 14.44
CA TYR C 30 1.15 5.41 15.03
C TYR C 30 1.00 6.66 15.92
N TRP C 31 2.09 7.01 16.61
CA TRP C 31 2.15 8.14 17.52
C TRP C 31 3.47 8.74 17.26
N CYS C 32 3.52 10.06 17.05
CA CYS C 32 4.78 10.74 16.78
C CYS C 32 4.69 12.22 17.07
N ARG C 33 5.83 12.86 17.27
CA ARG C 33 5.82 14.28 17.22
C ARG C 33 5.77 14.79 15.80
N PRO C 34 5.20 16.00 15.56
CA PRO C 34 5.13 16.54 14.19
C PRO C 34 6.53 16.78 13.66
N PRO C 35 6.78 16.31 12.41
CA PRO C 35 8.12 16.31 11.81
C PRO C 35 8.52 17.56 11.03
N GLN C 36 9.81 17.64 10.72
CA GLN C 36 10.34 18.70 9.84
C GLN C 36 10.71 18.05 8.51
N ILE C 37 10.37 16.77 8.39
CA ILE C 37 10.67 15.98 7.24
C ILE C 37 9.37 15.27 6.86
N PHE C 38 9.33 14.59 5.73
CA PHE C 38 8.08 13.95 5.30
C PHE C 38 7.58 12.86 6.26
N LEU C 39 8.52 12.05 6.74
CA LEU C 39 8.19 10.95 7.64
C LEU C 39 8.36 11.38 9.08
N CYS C 40 7.32 11.24 9.89
CA CYS C 40 7.50 11.49 11.33
C CYS C 40 8.19 10.30 11.98
N ASP C 41 8.85 10.57 13.10
CA ASP C 41 9.65 9.57 13.76
C ASP C 41 8.73 8.85 14.69
N LYS C 42 8.28 7.70 14.24
CA LYS C 42 7.23 6.99 14.95
C LYS C 42 7.73 6.34 16.25
N ILE C 43 7.11 6.81 17.33
CA ILE C 43 7.54 6.50 18.68
C ILE C 43 7.09 5.08 18.98
N VAL C 44 5.82 4.82 18.64
CA VAL C 44 5.26 3.48 18.63
C VAL C 44 4.32 3.42 17.45
N GLU C 45 4.07 2.21 16.93
CA GLU C 45 3.08 1.95 15.88
C GLU C 45 2.60 0.53 15.98
N THR C 46 1.40 0.27 15.46
CA THR C 46 0.78 -1.04 15.62
C THR C 46 1.34 -2.12 14.65
N LYS C 47 1.88 -1.70 13.50
CA LYS C 47 2.34 -2.64 12.43
C LYS C 47 3.75 -2.42 11.90
N GLY C 48 4.22 -1.19 11.91
CA GLY C 48 5.55 -0.89 11.42
C GLY C 48 6.66 -1.19 12.42
N SER C 49 7.90 -0.88 12.03
CA SER C 49 9.07 -1.35 12.78
C SER C 49 9.34 -0.69 14.13
N ALA C 50 8.68 0.41 14.45
CA ALA C 50 8.91 1.04 15.77
C ALA C 50 8.60 0.09 16.94
N GLY C 51 7.66 -0.82 16.71
CA GLY C 51 7.13 -1.69 17.73
C GLY C 51 5.95 -1.01 18.41
N LYS C 52 5.14 -1.81 19.10
CA LYS C 52 3.95 -1.33 19.79
C LYS C 52 4.27 -0.71 21.14
N ARG C 53 5.40 -1.11 21.70
CA ARG C 53 5.84 -0.62 22.99
C ARG C 53 7.28 -0.19 22.90
N ASN C 54 7.56 0.99 23.40
CA ASN C 54 8.92 1.43 23.55
C ASN C 54 8.96 2.18 24.84
N GLY C 55 9.52 1.52 25.85
CA GLY C 55 9.65 2.14 27.16
C GLY C 55 8.28 2.44 27.71
N ARG C 56 8.12 3.69 28.14
CA ARG C 56 6.89 4.14 28.81
C ARG C 56 5.69 4.33 27.84
N VAL C 57 5.89 4.16 26.53
CA VAL C 57 4.82 4.43 25.56
C VAL C 57 4.38 3.14 24.93
N SER C 58 3.09 2.96 24.78
CA SER C 58 2.54 1.83 24.04
C SER C 58 1.29 2.21 23.29
N ILE C 59 0.93 1.37 22.32
CA ILE C 59 -0.20 1.61 21.44
C ILE C 59 -0.96 0.31 21.28
N ARG C 60 -2.30 0.39 21.28
CA ARG C 60 -3.18 -0.77 21.10
C ARG C 60 -4.29 -0.37 20.16
N ASP C 61 -4.54 -1.20 19.15
CA ASP C 61 -5.57 -0.88 18.18
C ASP C 61 -6.84 -1.65 18.59
N SER C 62 -7.99 -1.04 18.40
CA SER C 62 -9.22 -1.76 18.68
C SER C 62 -10.13 -1.54 17.50
N PRO C 63 -9.87 -2.29 16.39
CA PRO C 63 -10.64 -2.14 15.16
C PRO C 63 -12.15 -2.25 15.39
N ALA C 64 -12.57 -3.09 16.32
CA ALA C 64 -13.97 -3.34 16.56
C ALA C 64 -14.68 -2.08 17.03
N ASN C 65 -13.95 -1.15 17.64
CA ASN C 65 -14.49 0.14 18.05
C ASN C 65 -14.05 1.28 17.19
N LEU C 66 -13.25 0.97 16.17
CA LEU C 66 -12.79 1.99 15.23
C LEU C 66 -11.95 3.10 15.95
N SER C 67 -11.03 2.65 16.81
CA SER C 67 -10.16 3.55 17.54
C SER C 67 -8.91 2.84 17.98
N PHE C 68 -7.87 3.61 18.25
CA PHE C 68 -6.74 3.01 18.91
C PHE C 68 -6.34 3.89 20.06
N THR C 69 -5.65 3.30 21.02
CA THR C 69 -5.27 4.08 22.22
C THR C 69 -3.79 4.06 22.44
N VAL C 70 -3.22 5.26 22.67
CA VAL C 70 -1.83 5.42 23.04
C VAL C 70 -1.80 5.63 24.55
N THR C 71 -0.88 4.92 25.24
CA THR C 71 -0.76 5.12 26.69
C THR C 71 0.68 5.52 27.04
N LEU C 72 0.83 6.56 27.86
CA LEU C 72 2.11 6.98 28.35
C LEU C 72 2.12 6.75 29.86
N GLU C 73 3.09 5.97 30.31
CA GLU C 73 3.18 5.61 31.70
C GLU C 73 4.20 6.54 32.33
N ASN C 74 4.16 6.67 33.66
CA ASN C 74 5.19 7.38 34.45
C ASN C 74 5.65 8.71 33.83
N LEU C 75 4.69 9.64 33.64
CA LEU C 75 4.92 10.85 32.86
C LEU C 75 6.02 11.72 33.40
N THR C 76 6.74 12.38 32.51
CA THR C 76 7.79 13.30 32.93
C THR C 76 7.46 14.56 32.18
N GLU C 77 8.02 15.67 32.63
CA GLU C 77 7.81 16.97 31.99
C GLU C 77 8.16 16.99 30.49
N GLU C 78 9.15 16.17 30.11
CA GLU C 78 9.62 16.11 28.75
C GLU C 78 8.58 15.51 27.78
N ASP C 79 7.59 14.77 28.31
CA ASP C 79 6.57 14.13 27.49
C ASP C 79 5.59 15.14 26.90
N ALA C 80 5.54 16.33 27.49
CA ALA C 80 4.55 17.30 27.10
C ALA C 80 4.83 17.73 25.67
N GLY C 81 3.81 18.26 25.02
CA GLY C 81 3.98 18.81 23.70
C GLY C 81 3.00 18.29 22.65
N THR C 82 3.22 18.71 21.42
CA THR C 82 2.36 18.32 20.33
C THR C 82 2.70 16.92 19.82
N TYR C 83 1.67 16.13 19.57
CA TYR C 83 1.86 14.84 18.94
C TYR C 83 0.84 14.65 17.85
N TRP C 84 1.12 13.69 16.96
CA TRP C 84 0.14 13.19 16.04
C TRP C 84 -0.24 11.76 16.35
N CYS C 85 -1.53 11.46 16.39
CA CYS C 85 -1.88 10.08 16.29
C CYS C 85 -2.39 9.93 14.88
N GLY C 86 -1.81 8.98 14.17
CA GLY C 86 -2.07 8.89 12.75
C GLY C 86 -2.39 7.51 12.32
N VAL C 87 -3.07 7.43 11.19
CA VAL C 87 -3.24 6.16 10.50
C VAL C 87 -2.46 6.30 9.19
N ASP C 88 -1.60 5.32 8.91
CA ASP C 88 -0.62 5.44 7.83
C ASP C 88 -1.23 5.00 6.50
N THR C 89 -1.42 5.95 5.60
CA THR C 89 -2.04 5.74 4.29
C THR C 89 -0.91 5.74 3.24
N PRO C 90 -1.20 5.48 1.97
CA PRO C 90 -0.09 5.37 1.00
C PRO C 90 0.82 6.59 0.77
N TRP C 91 0.38 7.78 1.22
CA TRP C 91 1.11 9.04 0.95
C TRP C 91 2.49 8.98 1.54
N LEU C 92 3.46 9.65 0.90
CA LEU C 92 4.81 9.63 1.38
C LEU C 92 4.83 10.48 2.65
N GLN C 93 4.11 11.59 2.64
CA GLN C 93 4.16 12.43 3.82
C GLN C 93 3.06 12.12 4.86
N ASP C 94 3.48 11.85 6.12
CA ASP C 94 2.52 11.50 7.19
C ASP C 94 1.53 12.64 7.42
N PHE C 95 1.92 13.87 7.10
CA PHE C 95 1.00 15.01 7.17
C PHE C 95 -0.29 14.76 6.41
N HIS C 96 -0.27 13.98 5.32
CA HIS C 96 -1.50 13.77 4.50
C HIS C 96 -2.30 12.57 4.95
N ASP C 97 -1.83 11.88 6.00
CA ASP C 97 -2.62 10.83 6.65
C ASP C 97 -3.77 11.44 7.41
N PRO C 98 -4.75 10.63 7.79
CA PRO C 98 -5.72 11.06 8.79
C PRO C 98 -4.92 11.14 10.09
N VAL C 99 -4.92 12.33 10.67
CA VAL C 99 -4.14 12.59 11.87
C VAL C 99 -5.00 13.37 12.82
N VAL C 100 -5.05 12.96 14.09
CA VAL C 100 -5.60 13.82 15.15
C VAL C 100 -4.39 14.46 15.83
N GLU C 101 -4.36 15.78 15.93
CA GLU C 101 -3.28 16.45 16.64
C GLU C 101 -3.64 16.46 18.13
N VAL C 102 -2.68 16.07 18.96
CA VAL C 102 -2.92 15.95 20.39
C VAL C 102 -1.90 16.78 21.10
N GLU C 103 -2.36 17.66 21.98
CA GLU C 103 -1.44 18.48 22.72
C GLU C 103 -1.36 18.00 24.16
N VAL C 104 -0.17 17.53 24.60
CA VAL C 104 0.00 16.91 25.92
C VAL C 104 0.56 17.91 26.92
N SER C 105 -0.11 18.04 28.07
CA SER C 105 0.36 18.85 29.20
C SER C 105 0.74 17.93 30.32
N VAL C 106 1.79 18.28 31.04
CA VAL C 106 2.16 17.48 32.19
C VAL C 106 2.31 18.40 33.39
N PHE C 107 1.49 18.19 34.43
CA PHE C 107 1.50 19.06 35.63
C PHE C 107 2.15 18.37 36.79
N PRO C 108 2.51 19.13 37.85
CA PRO C 108 3.11 18.60 39.08
C PRO C 108 2.23 17.53 39.71
N ALA C 109 2.86 16.49 40.23
CA ALA C 109 2.15 15.38 40.90
C ALA C 109 1.31 15.87 42.10
#